data_6RJY
#
_entry.id   6RJY
#
_cell.length_a   39.406
_cell.length_b   95.704
_cell.length_c   119.935
_cell.angle_alpha   90.00
_cell.angle_beta   90.00
_cell.angle_gamma   90.00
#
_symmetry.space_group_name_H-M   'P 21 21 21'
#
loop_
_entity.id
_entity.type
_entity.pdbx_description
1 polymer 'Arabino-oligosaccharids-binding protein'
2 branched alpha-L-arabinofuranose-(1-5)-alpha-L-arabinofuranose
3 non-polymer GLYCEROL
4 non-polymer 'CALCIUM ION'
5 non-polymer 2-AMINO-2-HYDROXYMETHYL-PROPANE-1,3-DIOL
6 water water
#
_entity_poly.entity_id   1
_entity_poly.type   'polypeptide(L)'
_entity_poly.pdbx_seq_one_letter_code
;HHHHHHNGNGEKIELTFMFRGQPQEQTAYKNVVKKFEEKHPNVKVNIVVTSPDQYATKLRAAIAGRKIPDVFYFNPGELR
AYVNSNVLLDITKYVENSKGVNLQDIWEKGVNKYRFDGEKVGQGNLYGLPKDLGPFALGYNKTMFEKAGIPLPDKDKPYT
WQEFIDVCKKLTKDTNGDGKLDQWGTGLNATWTLQGFVWSNGADWIDESKTKVTVDDPKFIEALQFFADMQNKYKVTPSI
AEAQTLDTYQRWLRGQLGFFPVGPWDLAAFDQQIKFEYDLIPWPAGSTGKPATWVGSLGIGVSSMTKHPKEAVELALYLS
ADPEGQKALVDQRVQLPNSVKVAEEWAKDPSIKPANKQEFLDIINDYGHSFPTEYTYNGEWYDEFYRNLQPVLDGKMSAE
EYVKKAKPKMQKLLDQAIEQEKQASKK
;
_entity_poly.pdbx_strand_id   A
#
loop_
_chem_comp.id
_chem_comp.type
_chem_comp.name
_chem_comp.formula
AHR L-saccharide, alpha linking alpha-L-arabinofuranose 'C5 H10 O5'
CA non-polymer 'CALCIUM ION' 'Ca 2'
GOL non-polymer GLYCEROL 'C3 H8 O3'
TRS non-polymer 2-AMINO-2-HYDROXYMETHYL-PROPANE-1,3-DIOL 'C4 H12 N O3 1'
#
# COMPACT_ATOMS: atom_id res chain seq x y z
N LYS A 12 -21.27 29.09 -2.15
CA LYS A 12 -20.79 29.95 -3.22
C LYS A 12 -19.38 29.54 -3.68
N ILE A 13 -18.71 28.71 -2.88
CA ILE A 13 -17.39 28.19 -3.24
C ILE A 13 -17.50 26.75 -3.72
N GLU A 14 -16.86 26.42 -4.83
CA GLU A 14 -16.85 25.04 -5.32
C GLU A 14 -15.43 24.51 -5.40
N LEU A 15 -15.24 23.30 -4.87
CA LEU A 15 -13.96 22.60 -4.93
C LEU A 15 -14.19 21.31 -5.69
N THR A 16 -13.19 20.91 -6.46
CA THR A 16 -13.19 19.55 -7.00
C THR A 16 -12.23 18.70 -6.18
N PHE A 17 -12.71 17.53 -5.75
CA PHE A 17 -11.92 16.57 -4.98
C PHE A 17 -11.81 15.30 -5.79
N MET A 18 -10.60 14.97 -6.21
CA MET A 18 -10.35 13.79 -7.03
C MET A 18 -9.63 12.74 -6.20
N PHE A 19 -10.16 11.52 -6.20
CA PHE A 19 -9.51 10.44 -5.43
C PHE A 19 -9.82 9.06 -6.00
N ARG A 20 -9.34 8.02 -5.30
CA ARG A 20 -9.49 6.65 -5.76
C ARG A 20 -9.85 5.79 -4.56
N GLY A 21 -10.57 4.71 -4.81
CA GLY A 21 -10.79 3.75 -3.75
C GLY A 21 -11.58 2.57 -4.23
N GLN A 22 -11.52 1.48 -3.46
CA GLN A 22 -12.45 0.37 -3.64
C GLN A 22 -13.84 0.88 -3.24
N PRO A 23 -14.92 0.18 -3.60
CA PRO A 23 -16.26 0.65 -3.31
C PRO A 23 -16.50 1.13 -1.87
N GLN A 24 -16.03 0.37 -0.90
CA GLN A 24 -16.28 0.78 0.49
C GLN A 24 -15.53 2.08 0.83
N GLU A 25 -14.39 2.27 0.20
CA GLU A 25 -13.65 3.48 0.48
C GLU A 25 -14.33 4.69 -0.15
N GLN A 26 -14.85 4.51 -1.35
CA GLN A 26 -15.54 5.59 -2.05
C GLN A 26 -16.73 6.05 -1.20
N THR A 27 -17.49 5.09 -0.70
CA THR A 27 -18.64 5.39 0.15
C THR A 27 -18.22 6.12 1.41
N ALA A 28 -17.15 5.66 2.05
CA ALA A 28 -16.70 6.25 3.30
C ALA A 28 -16.26 7.70 3.11
N TYR A 29 -15.47 7.96 2.07
CA TYR A 29 -14.97 9.31 1.85
C TYR A 29 -16.08 10.25 1.36
N LYS A 30 -17.00 9.72 0.56
CA LYS A 30 -18.16 10.51 0.15
C LYS A 30 -18.96 10.94 1.37
N ASN A 31 -19.14 10.03 2.33
CA ASN A 31 -19.86 10.39 3.56
C ASN A 31 -19.14 11.45 4.37
N VAL A 32 -17.81 11.35 4.45
CA VAL A 32 -17.03 12.29 5.26
C VAL A 32 -16.98 13.66 4.57
N VAL A 33 -16.99 13.67 3.24
CA VAL A 33 -17.08 14.94 2.50
C VAL A 33 -18.42 15.62 2.78
N LYS A 34 -19.49 14.84 2.85
CA LYS A 34 -20.79 15.42 3.21
C LYS A 34 -20.75 16.03 4.59
N LYS A 35 -20.03 15.40 5.52
CA LYS A 35 -19.85 15.95 6.86
C LYS A 35 -19.10 17.28 6.79
N PHE A 36 -18.09 17.35 5.91
CA PHE A 36 -17.35 18.57 5.69
C PHE A 36 -18.29 19.65 5.17
N GLU A 37 -19.19 19.28 4.27
CA GLU A 37 -20.10 20.25 3.67
C GLU A 37 -21.13 20.76 4.69
N GLU A 38 -21.47 19.91 5.66
CA GLU A 38 -22.34 20.35 6.76
C GLU A 38 -21.64 21.37 7.65
N LYS A 39 -20.37 21.13 7.92
CA LYS A 39 -19.57 22.01 8.77
C LYS A 39 -19.27 23.33 8.07
N HIS A 40 -19.13 23.27 6.74
CA HIS A 40 -18.83 24.45 5.94
C HIS A 40 -19.88 24.65 4.85
N PRO A 41 -21.06 25.16 5.23
CA PRO A 41 -22.18 25.23 4.30
C PRO A 41 -21.96 26.16 3.10
N ASN A 42 -20.91 26.97 3.12
CA ASN A 42 -20.59 27.81 1.97
C ASN A 42 -19.70 27.12 0.94
N VAL A 43 -19.26 25.90 1.25
CA VAL A 43 -18.38 25.15 0.34
C VAL A 43 -19.05 23.91 -0.24
N LYS A 44 -19.06 23.80 -1.57
CA LYS A 44 -19.60 22.63 -2.24
C LYS A 44 -18.47 21.81 -2.84
N VAL A 45 -18.44 20.52 -2.58
CA VAL A 45 -17.36 19.67 -3.09
C VAL A 45 -17.86 18.73 -4.18
N ASN A 46 -17.32 18.90 -5.39
CA ASN A 46 -17.64 18.05 -6.52
C ASN A 46 -16.63 16.93 -6.59
N ILE A 47 -17.13 15.70 -6.62
CA ILE A 47 -16.30 14.50 -6.51
C ILE A 47 -15.93 13.90 -7.86
N VAL A 48 -14.65 13.59 -8.04
CA VAL A 48 -14.19 12.80 -9.17
C VAL A 48 -13.50 11.59 -8.57
N VAL A 49 -14.12 10.42 -8.68
CA VAL A 49 -13.56 9.22 -8.03
C VAL A 49 -13.38 8.09 -9.05
N THR A 50 -12.30 7.33 -8.89
CA THR A 50 -12.01 6.23 -9.80
C THR A 50 -11.65 4.99 -9.00
N SER A 51 -11.53 3.85 -9.69
CA SER A 51 -10.98 2.65 -9.08
C SER A 51 -9.48 2.85 -8.90
N PRO A 52 -8.86 2.10 -7.97
CA PRO A 52 -7.40 2.27 -7.77
C PRO A 52 -6.59 2.13 -9.06
N ASP A 53 -6.90 1.13 -9.89
CA ASP A 53 -6.13 0.88 -11.11
C ASP A 53 -6.31 1.95 -12.19
N GLN A 54 -7.45 2.64 -12.18
CA GLN A 54 -7.73 3.69 -13.17
C GLN A 54 -7.13 5.06 -12.78
N TYR A 55 -6.72 5.22 -11.54
CA TYR A 55 -6.42 6.56 -11.02
C TYR A 55 -5.24 7.27 -11.66
N ALA A 56 -4.12 6.56 -11.77
CA ALA A 56 -2.87 7.18 -12.23
C ALA A 56 -3.05 7.79 -13.62
N THR A 57 -3.73 7.06 -14.50
CA THR A 57 -3.97 7.55 -15.86
C THR A 57 -4.82 8.82 -15.88
N LYS A 58 -5.88 8.84 -15.06
CA LYS A 58 -6.77 9.99 -15.05
C LYS A 58 -6.11 11.23 -14.44
N LEU A 59 -5.34 11.04 -13.36
CA LEU A 59 -4.65 12.17 -12.75
C LEU A 59 -3.57 12.71 -13.68
N ARG A 60 -2.88 11.81 -14.36
CA ARG A 60 -1.80 12.23 -15.29
C ARG A 60 -2.42 13.06 -16.41
N ALA A 61 -3.60 12.68 -16.88
CA ALA A 61 -4.27 13.43 -17.94
C ALA A 61 -4.69 14.82 -17.46
N ALA A 62 -5.19 14.91 -16.23
CA ALA A 62 -5.56 16.21 -15.69
C ALA A 62 -4.35 17.13 -15.60
N ILE A 63 -3.23 16.59 -15.12
CA ILE A 63 -2.02 17.38 -14.96
C ILE A 63 -1.44 17.77 -16.34
N ALA A 64 -1.47 16.86 -17.29
CA ALA A 64 -0.97 17.14 -18.65
C ALA A 64 -1.71 18.31 -19.29
N GLY A 65 -3.00 18.42 -19.00
CA GLY A 65 -3.79 19.52 -19.54
C GLY A 65 -3.82 20.75 -18.66
N ARG A 66 -3.12 20.70 -17.54
CA ARG A 66 -3.11 21.82 -16.56
C ARG A 66 -4.54 22.15 -16.13
N LYS A 67 -5.33 21.11 -15.94
CA LYS A 67 -6.69 21.24 -15.42
C LYS A 67 -6.76 20.40 -14.16
N ILE A 68 -6.10 20.89 -13.12
CA ILE A 68 -5.81 20.12 -11.91
C ILE A 68 -6.94 20.26 -10.89
N PRO A 69 -7.44 19.13 -10.36
CA PRO A 69 -8.47 19.22 -9.31
C PRO A 69 -7.97 20.04 -8.10
N ASP A 70 -8.87 20.74 -7.39
CA ASP A 70 -8.43 21.55 -6.25
C ASP A 70 -7.75 20.72 -5.17
N VAL A 71 -8.30 19.55 -4.90
CA VAL A 71 -7.77 18.63 -3.89
C VAL A 71 -7.69 17.22 -4.49
N PHE A 72 -6.57 16.53 -4.28
CA PHE A 72 -6.43 15.20 -4.90
C PHE A 72 -5.44 14.28 -4.16
N TYR A 73 -5.69 12.97 -4.26
CA TYR A 73 -4.71 11.97 -3.84
C TYR A 73 -3.50 12.00 -4.76
N PHE A 74 -2.32 11.78 -4.20
CA PHE A 74 -1.14 11.52 -5.04
C PHE A 74 -0.15 10.60 -4.36
N ASN A 75 0.74 10.02 -5.17
CA ASN A 75 1.74 9.06 -4.72
CA ASN A 75 1.74 9.08 -4.71
C ASN A 75 2.96 9.78 -4.14
N PRO A 76 3.44 9.35 -2.95
CA PRO A 76 4.64 10.01 -2.39
C PRO A 76 5.83 10.01 -3.37
N GLY A 77 5.93 9.02 -4.24
CA GLY A 77 7.01 8.95 -5.21
C GLY A 77 6.95 10.02 -6.31
N GLU A 78 5.84 10.74 -6.37
CA GLU A 78 5.69 11.81 -7.35
CA GLU A 78 5.64 11.82 -7.33
C GLU A 78 5.89 13.19 -6.73
N LEU A 79 6.17 13.24 -5.44
CA LEU A 79 6.28 14.53 -4.75
C LEU A 79 7.26 15.47 -5.44
N ARG A 80 8.49 15.01 -5.65
CA ARG A 80 9.53 15.86 -6.22
C ARG A 80 9.17 16.33 -7.63
N ALA A 81 8.68 15.41 -8.45
CA ALA A 81 8.25 15.74 -9.80
C ALA A 81 7.12 16.79 -9.79
N TYR A 82 6.18 16.60 -8.88
CA TYR A 82 5.04 17.52 -8.79
C TYR A 82 5.47 18.91 -8.33
N VAL A 83 6.48 18.96 -7.47
CA VAL A 83 7.01 20.26 -7.04
C VAL A 83 7.75 20.95 -8.19
N ASN A 84 8.56 20.19 -8.93
CA ASN A 84 9.31 20.73 -10.07
C ASN A 84 8.41 21.26 -11.18
N SER A 85 7.23 20.68 -11.33
CA SER A 85 6.30 21.09 -12.38
CA SER A 85 6.32 21.12 -12.38
C SER A 85 5.21 21.99 -11.83
N ASN A 86 5.39 22.48 -10.60
CA ASN A 86 4.42 23.37 -9.95
C ASN A 86 3.00 22.84 -10.01
N VAL A 87 2.83 21.61 -9.56
CA VAL A 87 1.53 20.95 -9.49
C VAL A 87 0.90 21.16 -8.13
N LEU A 88 1.73 21.05 -7.09
CA LEU A 88 1.26 21.11 -5.70
C LEU A 88 1.49 22.46 -5.05
N LEU A 89 0.46 22.99 -4.41
CA LEU A 89 0.61 24.21 -3.65
C LEU A 89 1.38 23.97 -2.35
N ASP A 90 2.23 24.92 -1.99
CA ASP A 90 2.87 24.94 -0.68
C ASP A 90 1.83 25.37 0.36
N ILE A 91 1.40 24.42 1.18
CA ILE A 91 0.27 24.66 2.09
C ILE A 91 0.72 24.92 3.51
N THR A 92 2.03 25.05 3.70
CA THR A 92 2.61 25.24 5.04
C THR A 92 1.87 26.28 5.87
N LYS A 93 1.73 27.48 5.32
CA LYS A 93 1.15 28.58 6.08
C LYS A 93 -0.32 28.38 6.40
N TYR A 94 -1.06 27.76 5.49
CA TYR A 94 -2.47 27.49 5.73
C TYR A 94 -2.64 26.48 6.88
N VAL A 95 -1.75 25.51 6.94
CA VAL A 95 -1.79 24.51 8.00
C VAL A 95 -1.37 25.11 9.34
N GLU A 96 -0.34 25.95 9.33
CA GLU A 96 0.12 26.62 10.53
C GLU A 96 -0.94 27.53 11.15
N ASN A 97 -1.76 28.14 10.29
CA ASN A 97 -2.76 29.09 10.77
C ASN A 97 -4.09 28.43 11.10
N SER A 98 -4.13 27.10 11.02
CA SER A 98 -5.40 26.39 11.16
C SER A 98 -5.82 26.14 12.60
N LYS A 99 -7.13 26.05 12.79
CA LYS A 99 -7.77 25.92 14.09
C LYS A 99 -7.42 24.63 14.84
N GLY A 100 -6.51 24.78 15.79
CA GLY A 100 -6.11 23.74 16.75
C GLY A 100 -5.66 22.42 16.16
N VAL A 101 -5.44 22.31 14.86
CA VAL A 101 -4.90 21.00 14.41
C VAL A 101 -3.42 20.99 14.76
N ASN A 102 -2.89 19.89 15.28
CA ASN A 102 -1.42 19.84 15.50
C ASN A 102 -0.88 18.61 14.77
N LEU A 103 -0.22 18.83 13.63
CA LEU A 103 0.33 17.73 12.82
C LEU A 103 1.32 16.93 13.65
N GLN A 104 1.72 17.48 14.79
CA GLN A 104 2.67 16.75 15.65
C GLN A 104 1.99 15.53 16.26
N ASP A 105 0.65 15.49 16.34
CA ASP A 105 -0.06 14.30 16.82
C ASP A 105 -0.11 13.21 15.73
N ILE A 106 0.10 13.58 14.47
CA ILE A 106 0.03 12.66 13.34
C ILE A 106 1.34 11.90 13.15
N TRP A 107 1.27 10.67 12.65
CA TRP A 107 2.47 9.89 12.34
C TRP A 107 3.51 10.72 11.63
N GLU A 108 4.69 10.82 12.25
CA GLU A 108 5.77 11.61 11.68
C GLU A 108 6.18 11.05 10.32
N LYS A 109 6.26 9.72 10.24
CA LYS A 109 6.57 9.07 8.98
C LYS A 109 5.59 9.46 7.87
N GLY A 110 4.32 9.63 8.23
CA GLY A 110 3.33 10.04 7.26
C GLY A 110 3.47 11.49 6.84
N VAL A 111 3.61 12.39 7.82
CA VAL A 111 3.72 13.81 7.54
C VAL A 111 4.94 14.09 6.66
N ASN A 112 6.05 13.45 6.99
CA ASN A 112 7.33 13.77 6.36
C ASN A 112 7.42 13.32 4.91
N LYS A 113 6.56 12.40 4.48
CA LYS A 113 6.58 11.97 3.08
C LYS A 113 6.17 13.10 2.14
N TYR A 114 5.53 14.14 2.68
CA TYR A 114 4.96 15.18 1.86
C TYR A 114 5.58 16.54 2.16
N ARG A 115 6.75 16.50 2.81
CA ARG A 115 7.58 17.68 3.04
C ARG A 115 8.73 17.70 2.05
N PHE A 116 9.10 18.90 1.58
CA PHE A 116 10.20 19.02 0.63
C PHE A 116 10.86 20.38 0.84
N ASP A 117 12.18 20.39 1.02
CA ASP A 117 12.87 21.65 1.39
C ASP A 117 13.55 22.32 0.20
N GLY A 118 13.24 21.85 -0.99
CA GLY A 118 13.87 22.36 -2.20
C GLY A 118 14.91 21.38 -2.74
N GLU A 119 15.45 20.56 -1.85
CA GLU A 119 16.49 19.61 -2.23
C GLU A 119 16.09 18.17 -1.97
N LYS A 120 15.54 17.93 -0.79
CA LYS A 120 15.22 16.57 -0.38
C LYS A 120 13.87 16.47 0.32
N VAL A 121 13.27 15.29 0.19
CA VAL A 121 12.02 14.96 0.86
C VAL A 121 12.25 14.76 2.35
N GLY A 122 11.27 15.13 3.17
CA GLY A 122 11.28 14.74 4.57
C GLY A 122 11.45 15.90 5.52
N GLN A 123 11.76 17.06 4.96
CA GLN A 123 11.94 18.27 5.78
C GLN A 123 11.49 19.47 4.96
N GLY A 124 11.19 20.55 5.65
CA GLY A 124 10.84 21.79 4.97
C GLY A 124 9.35 21.97 4.77
N ASN A 125 9.01 22.68 3.71
CA ASN A 125 7.63 23.08 3.45
C ASN A 125 6.71 21.89 3.18
N LEU A 126 5.46 22.04 3.58
CA LEU A 126 4.43 21.04 3.36
C LEU A 126 3.79 21.18 1.98
N TYR A 127 3.79 20.11 1.21
CA TYR A 127 3.14 20.11 -0.09
C TYR A 127 1.98 19.11 -0.15
N GLY A 128 1.61 18.59 1.02
CA GLY A 128 0.49 17.68 1.11
C GLY A 128 0.32 17.21 2.53
N LEU A 129 -0.79 16.51 2.79
CA LEU A 129 -1.07 15.91 4.09
C LEU A 129 -1.27 14.42 3.89
N PRO A 130 -0.89 13.60 4.88
CA PRO A 130 -1.04 12.15 4.69
C PRO A 130 -2.50 11.68 4.71
N LYS A 131 -2.92 10.96 3.67
CA LYS A 131 -4.24 10.32 3.74
C LYS A 131 -4.25 9.31 4.89
N ASP A 132 -3.21 8.49 4.91
CA ASP A 132 -3.09 7.42 5.88
C ASP A 132 -1.66 6.89 5.85
N LEU A 133 -1.38 5.96 6.76
CA LEU A 133 -0.28 5.01 6.58
C LEU A 133 -0.93 3.64 6.41
N GLY A 134 -0.39 2.83 5.49
CA GLY A 134 -1.04 1.58 5.12
C GLY A 134 -0.15 0.37 5.25
N PRO A 135 0.10 -0.06 6.50
CA PRO A 135 0.88 -1.28 6.74
C PRO A 135 0.17 -2.50 6.16
N PHE A 136 0.90 -3.31 5.39
CA PHE A 136 0.30 -4.47 4.74
C PHE A 136 0.64 -5.73 5.53
N ALA A 137 -0.31 -6.16 6.36
CA ALA A 137 -0.09 -7.28 7.25
C ALA A 137 -0.46 -8.62 6.59
N LEU A 138 -0.10 -9.70 7.27
CA LEU A 138 -0.51 -11.03 6.87
C LEU A 138 -1.64 -11.54 7.75
N GLY A 139 -2.73 -11.98 7.12
CA GLY A 139 -3.84 -12.58 7.85
C GLY A 139 -3.85 -14.09 7.69
N TYR A 140 -4.44 -14.78 8.67
CA TYR A 140 -4.72 -16.20 8.51
C TYR A 140 -6.13 -16.49 8.95
N ASN A 141 -6.66 -17.56 8.36
CA ASN A 141 -8.01 -18.03 8.61
C ASN A 141 -8.01 -18.94 9.82
N LYS A 142 -8.42 -18.39 10.97
CA LYS A 142 -8.37 -19.14 12.23
C LYS A 142 -9.39 -20.27 12.26
N THR A 143 -10.56 -20.03 11.67
CA THR A 143 -11.58 -21.06 11.54
C THR A 143 -11.00 -22.29 10.85
N MET A 144 -10.29 -22.05 9.77
CA MET A 144 -9.70 -23.13 8.98
C MET A 144 -8.65 -23.90 9.78
N PHE A 145 -7.76 -23.18 10.46
CA PHE A 145 -6.76 -23.83 11.30
C PHE A 145 -7.39 -24.71 12.36
N GLU A 146 -8.41 -24.19 13.04
CA GLU A 146 -8.99 -24.91 14.16
C GLU A 146 -9.80 -26.12 13.68
N LYS A 147 -10.41 -26.03 12.52
CA LYS A 147 -11.10 -27.18 11.93
C LYS A 147 -10.09 -28.27 11.54
N ALA A 148 -8.90 -27.84 11.13
CA ALA A 148 -7.86 -28.79 10.69
C ALA A 148 -7.02 -29.37 11.83
N GLY A 149 -7.10 -28.76 13.02
CA GLY A 149 -6.32 -29.22 14.15
C GLY A 149 -4.87 -28.77 14.10
N ILE A 150 -4.58 -27.75 13.29
CA ILE A 150 -3.22 -27.23 13.17
C ILE A 150 -2.96 -26.16 14.22
N PRO A 151 -1.84 -26.26 14.93
CA PRO A 151 -1.51 -25.25 15.95
C PRO A 151 -1.49 -23.85 15.33
N LEU A 152 -2.04 -22.87 16.04
CA LEU A 152 -2.12 -21.51 15.50
C LEU A 152 -0.76 -20.88 15.27
N PRO A 153 -0.65 -20.01 14.25
CA PRO A 153 0.59 -19.26 14.03
C PRO A 153 0.90 -18.38 15.22
N ASP A 154 2.18 -18.15 15.50
CA ASP A 154 2.55 -17.24 16.58
C ASP A 154 2.31 -15.79 16.17
N LYS A 155 1.88 -14.96 17.10
CA LYS A 155 1.59 -13.55 16.78
C LYS A 155 2.84 -12.66 16.70
N ASP A 156 3.99 -13.18 17.13
CA ASP A 156 5.23 -12.39 17.11
C ASP A 156 6.41 -13.05 16.37
N LYS A 157 6.54 -14.37 16.49
CA LYS A 157 7.65 -15.08 15.85
C LYS A 157 7.28 -15.54 14.43
N PRO A 158 7.99 -15.04 13.42
CA PRO A 158 7.68 -15.39 12.02
C PRO A 158 7.93 -16.86 11.73
N TYR A 159 7.08 -17.50 10.93
CA TYR A 159 7.43 -18.77 10.31
C TYR A 159 8.73 -18.60 9.53
N THR A 160 9.54 -19.66 9.45
CA THR A 160 10.56 -19.71 8.41
C THR A 160 9.86 -20.01 7.10
N TRP A 161 10.55 -19.86 5.97
CA TRP A 161 9.92 -20.18 4.68
C TRP A 161 9.53 -21.66 4.62
N GLN A 162 10.39 -22.54 5.14
CA GLN A 162 10.06 -23.96 5.11
C GLN A 162 8.87 -24.27 6.02
N GLU A 163 8.81 -23.62 7.17
CA GLU A 163 7.68 -23.83 8.07
C GLU A 163 6.38 -23.36 7.42
N PHE A 164 6.47 -22.25 6.69
CA PHE A 164 5.31 -21.68 6.01
C PHE A 164 4.79 -22.63 4.95
N ILE A 165 5.68 -23.16 4.11
CA ILE A 165 5.26 -24.15 3.12
C ILE A 165 4.65 -25.40 3.79
N ASP A 166 5.27 -25.85 4.90
CA ASP A 166 4.77 -27.03 5.61
C ASP A 166 3.33 -26.86 6.06
N VAL A 167 3.01 -25.72 6.67
CA VAL A 167 1.65 -25.46 7.11
CA VAL A 167 1.64 -25.51 7.12
C VAL A 167 0.72 -25.29 5.93
N CYS A 168 1.17 -24.56 4.91
CA CYS A 168 0.35 -24.37 3.70
C CYS A 168 -0.01 -25.70 3.05
N LYS A 169 0.96 -26.57 3.02
CA LYS A 169 0.62 -27.96 2.49
CA LYS A 169 0.66 -27.94 2.53
C LYS A 169 -0.44 -28.76 3.30
N LYS A 170 -0.36 -28.59 4.64
CA LYS A 170 -1.33 -29.24 5.50
C LYS A 170 -2.73 -28.67 5.29
N LEU A 171 -2.80 -27.39 4.93
CA LEU A 171 -4.09 -26.74 4.74
C LEU A 171 -4.71 -27.02 3.38
N THR A 172 -3.90 -27.56 2.46
CA THR A 172 -4.33 -27.73 1.08
C THR A 172 -5.00 -29.10 0.94
N LYS A 173 -6.32 -29.09 0.72
CA LYS A 173 -7.07 -30.35 0.77
C LYS A 173 -8.43 -30.28 0.09
N ASP A 174 -8.99 -31.48 -0.11
CA ASP A 174 -10.36 -31.68 -0.56
C ASP A 174 -11.26 -31.76 0.67
N THR A 175 -11.94 -30.67 1.02
CA THR A 175 -12.71 -30.66 2.26
C THR A 175 -14.11 -31.23 2.13
N ASN A 176 -14.67 -31.25 0.94
CA ASN A 176 -16.04 -31.74 0.80
C ASN A 176 -16.09 -33.16 0.28
N GLY A 177 -14.92 -33.75 0.07
CA GLY A 177 -14.82 -35.16 -0.29
C GLY A 177 -15.30 -35.52 -1.68
N ASP A 178 -15.27 -34.58 -2.61
CA ASP A 178 -15.69 -34.87 -3.99
C ASP A 178 -14.51 -35.26 -4.88
N GLY A 179 -13.33 -35.32 -4.28
CA GLY A 179 -12.12 -35.71 -5.01
C GLY A 179 -11.29 -34.56 -5.53
N LYS A 180 -11.79 -33.34 -5.42
CA LYS A 180 -11.07 -32.17 -5.94
C LYS A 180 -10.65 -31.24 -4.80
N LEU A 181 -9.42 -30.72 -4.87
CA LEU A 181 -8.97 -29.74 -3.88
C LEU A 181 -9.91 -28.56 -3.91
N ASP A 182 -10.25 -28.04 -2.74
CA ASP A 182 -11.16 -26.90 -2.69
C ASP A 182 -10.76 -25.93 -1.60
N GLN A 183 -9.59 -26.18 -1.02
CA GLN A 183 -9.04 -25.33 0.03
C GLN A 183 -7.53 -25.31 -0.14
N TRP A 184 -6.89 -24.15 -0.03
CA TRP A 184 -5.46 -24.07 -0.27
C TRP A 184 -4.75 -23.27 0.81
N GLY A 185 -3.46 -23.51 0.98
CA GLY A 185 -2.70 -22.78 1.99
C GLY A 185 -2.74 -21.28 1.78
N THR A 186 -2.51 -20.85 0.54
CA THR A 186 -2.50 -19.41 0.27
C THR A 186 -2.68 -19.13 -1.22
N GLY A 187 -2.46 -17.89 -1.65
CA GLY A 187 -2.60 -17.54 -3.04
C GLY A 187 -2.16 -16.10 -3.19
N LEU A 188 -0.89 -15.86 -2.95
CA LEU A 188 -0.38 -14.48 -2.86
C LEU A 188 -0.16 -13.85 -4.22
N ASN A 189 -0.55 -12.58 -4.31
CA ASN A 189 -0.37 -11.73 -5.50
C ASN A 189 1.01 -11.07 -5.48
N ALA A 190 1.88 -11.47 -6.42
CA ALA A 190 3.25 -10.94 -6.45
C ALA A 190 3.33 -9.41 -6.49
N THR A 191 2.35 -8.76 -7.10
CA THR A 191 2.37 -7.29 -7.18
C THR A 191 2.45 -6.64 -5.80
N TRP A 192 1.80 -7.27 -4.82
CA TRP A 192 1.68 -6.68 -3.49
C TRP A 192 2.37 -7.50 -2.39
N THR A 193 2.84 -8.70 -2.70
CA THR A 193 3.39 -9.53 -1.63
C THR A 193 4.78 -10.08 -1.91
N LEU A 194 5.34 -9.81 -3.09
CA LEU A 194 6.70 -10.28 -3.36
C LEU A 194 7.70 -9.50 -2.52
N GLN A 195 7.40 -8.24 -2.21
CA GLN A 195 8.37 -7.34 -1.57
C GLN A 195 8.90 -7.90 -0.25
N GLY A 196 8.00 -8.39 0.59
CA GLY A 196 8.39 -8.92 1.89
C GLY A 196 9.34 -10.10 1.80
N PHE A 197 9.16 -10.96 0.80
CA PHE A 197 10.05 -12.11 0.65
C PHE A 197 11.42 -11.66 0.17
N VAL A 198 11.45 -10.72 -0.78
CA VAL A 198 12.69 -10.14 -1.25
C VAL A 198 13.46 -9.46 -0.09
N TRP A 199 12.77 -8.60 0.65
CA TRP A 199 13.40 -7.82 1.70
C TRP A 199 13.85 -8.68 2.88
N SER A 200 13.00 -9.62 3.29
CA SER A 200 13.36 -10.50 4.41
CA SER A 200 13.38 -10.47 4.43
C SER A 200 14.51 -11.44 4.03
N ASN A 201 14.78 -11.56 2.73
CA ASN A 201 15.90 -12.40 2.27
C ASN A 201 17.14 -11.57 2.01
N GLY A 202 17.11 -10.32 2.46
CA GLY A 202 18.28 -9.46 2.39
C GLY A 202 18.55 -8.86 1.01
N ALA A 203 17.49 -8.71 0.21
CA ALA A 203 17.64 -8.19 -1.15
C ALA A 203 16.75 -6.98 -1.36
N ASP A 204 16.85 -6.37 -2.54
CA ASP A 204 15.96 -5.25 -2.92
C ASP A 204 16.02 -5.06 -4.41
N TRP A 205 15.10 -4.27 -4.93
CA TRP A 205 15.05 -3.96 -6.36
C TRP A 205 16.21 -3.07 -6.79
N ILE A 206 16.68 -2.24 -5.86
CA ILE A 206 17.74 -1.29 -6.15
C ILE A 206 18.71 -1.25 -4.98
N ASP A 207 19.89 -0.71 -5.23
CA ASP A 207 20.92 -0.64 -4.20
C ASP A 207 20.65 0.46 -3.17
N GLU A 208 21.56 0.57 -2.22
CA GLU A 208 21.44 1.53 -1.13
C GLU A 208 21.36 2.97 -1.63
N SER A 209 22.11 3.28 -2.70
CA SER A 209 22.15 4.63 -3.24
C SER A 209 20.91 4.94 -4.08
N LYS A 210 20.12 3.90 -4.36
CA LYS A 210 18.89 4.01 -5.15
C LYS A 210 19.14 4.41 -6.60
N THR A 211 20.33 4.08 -7.12
CA THR A 211 20.66 4.38 -8.51
C THR A 211 20.99 3.17 -9.37
N LYS A 212 21.14 1.99 -8.75
CA LYS A 212 21.52 0.79 -9.49
C LYS A 212 20.52 -0.35 -9.26
N VAL A 213 20.06 -0.98 -10.35
CA VAL A 213 19.13 -2.08 -10.25
C VAL A 213 19.85 -3.33 -9.74
N THR A 214 19.24 -4.01 -8.78
CA THR A 214 19.88 -5.16 -8.12
C THR A 214 19.00 -6.41 -8.10
N VAL A 215 18.12 -6.55 -9.09
CA VAL A 215 17.25 -7.72 -9.15
C VAL A 215 18.00 -8.99 -9.57
N ASP A 216 19.23 -8.84 -10.06
CA ASP A 216 20.01 -10.04 -10.40
C ASP A 216 20.86 -10.56 -9.24
N ASP A 217 20.73 -9.94 -8.08
CA ASP A 217 21.27 -10.45 -6.82
C ASP A 217 20.74 -11.88 -6.59
N PRO A 218 21.64 -12.84 -6.31
CA PRO A 218 21.18 -14.20 -6.02
C PRO A 218 20.14 -14.26 -4.91
N LYS A 219 20.20 -13.32 -3.97
CA LYS A 219 19.21 -13.27 -2.90
C LYS A 219 17.84 -12.84 -3.43
N PHE A 220 17.84 -11.97 -4.42
CA PHE A 220 16.60 -11.55 -5.05
C PHE A 220 16.02 -12.71 -5.84
N ILE A 221 16.87 -13.33 -6.65
CA ILE A 221 16.48 -14.50 -7.45
C ILE A 221 15.88 -15.60 -6.58
N GLU A 222 16.50 -15.87 -5.43
CA GLU A 222 16.00 -16.92 -4.54
C GLU A 222 14.59 -16.59 -4.06
N ALA A 223 14.37 -15.32 -3.72
CA ALA A 223 13.07 -14.90 -3.19
C ALA A 223 12.00 -14.98 -4.27
N LEU A 224 12.35 -14.55 -5.48
CA LEU A 224 11.39 -14.58 -6.59
C LEU A 224 11.08 -16.02 -7.00
N GLN A 225 12.11 -16.88 -7.07
CA GLN A 225 11.85 -18.28 -7.38
C GLN A 225 11.00 -18.99 -6.30
N PHE A 226 11.28 -18.72 -5.03
CA PHE A 226 10.47 -19.26 -3.95
C PHE A 226 9.02 -18.81 -4.10
N PHE A 227 8.83 -17.54 -4.44
CA PHE A 227 7.50 -17.01 -4.59
C PHE A 227 6.75 -17.77 -5.68
N ALA A 228 7.35 -17.90 -6.85
CA ALA A 228 6.70 -18.58 -7.97
C ALA A 228 6.49 -20.05 -7.62
N ASP A 229 7.44 -20.62 -6.88
CA ASP A 229 7.35 -22.03 -6.51
C ASP A 229 6.14 -22.35 -5.62
N MET A 230 5.57 -21.37 -4.92
CA MET A 230 4.39 -21.66 -4.10
C MET A 230 3.26 -22.22 -4.97
N GLN A 231 3.09 -21.63 -6.15
CA GLN A 231 2.09 -22.12 -7.09
C GLN A 231 2.54 -23.35 -7.86
N ASN A 232 3.77 -23.33 -8.37
CA ASN A 232 4.17 -24.32 -9.39
C ASN A 232 4.87 -25.57 -8.87
N LYS A 233 5.56 -25.45 -7.75
CA LYS A 233 6.38 -26.54 -7.22
C LYS A 233 5.77 -27.11 -5.94
N TYR A 234 5.56 -26.25 -4.95
CA TYR A 234 4.99 -26.68 -3.66
C TYR A 234 3.50 -26.92 -3.77
N LYS A 235 2.87 -26.26 -4.75
CA LYS A 235 1.46 -26.46 -5.06
C LYS A 235 0.56 -26.25 -3.84
N VAL A 236 0.73 -25.09 -3.20
CA VAL A 236 -0.04 -24.73 -2.01
C VAL A 236 -1.02 -23.61 -2.33
N THR A 237 -1.23 -23.39 -3.61
CA THR A 237 -2.16 -22.36 -4.11
C THR A 237 -3.17 -22.98 -5.09
N PRO A 238 -4.26 -22.25 -5.37
CA PRO A 238 -5.08 -22.70 -6.51
C PRO A 238 -4.22 -22.81 -7.78
N SER A 239 -4.65 -23.65 -8.70
CA SER A 239 -3.94 -23.78 -9.96
C SER A 239 -4.02 -22.49 -10.77
N ILE A 240 -3.18 -22.40 -11.79
CA ILE A 240 -3.24 -21.27 -12.72
C ILE A 240 -4.66 -21.05 -13.24
N ALA A 241 -5.32 -22.12 -13.67
CA ALA A 241 -6.66 -22.02 -14.23
C ALA A 241 -7.68 -21.62 -13.15
N GLU A 242 -7.50 -22.13 -11.94
CA GLU A 242 -8.44 -21.84 -10.86
C GLU A 242 -8.34 -20.37 -10.47
N ALA A 243 -7.13 -19.83 -10.45
CA ALA A 243 -6.96 -18.42 -10.12
C ALA A 243 -7.55 -17.53 -11.22
N GLN A 244 -7.48 -17.98 -12.47
CA GLN A 244 -8.09 -17.24 -13.57
C GLN A 244 -9.61 -17.25 -13.43
N THR A 245 -10.16 -18.38 -12.98
CA THR A 245 -11.61 -18.54 -12.82
C THR A 245 -12.13 -17.60 -11.73
N LEU A 246 -11.46 -17.61 -10.60
CA LEU A 246 -11.83 -16.75 -9.49
C LEU A 246 -10.55 -16.36 -8.76
N ASP A 247 -10.27 -15.07 -8.70
CA ASP A 247 -8.97 -14.63 -8.19
C ASP A 247 -8.80 -14.90 -6.70
N THR A 248 -7.56 -14.89 -6.24
CA THR A 248 -7.31 -15.35 -4.88
C THR A 248 -7.84 -14.42 -3.78
N TYR A 249 -7.98 -13.13 -4.05
CA TYR A 249 -8.63 -12.22 -3.11
C TYR A 249 -10.07 -12.70 -2.87
N GLN A 250 -10.80 -12.99 -3.93
CA GLN A 250 -12.17 -13.47 -3.80
C GLN A 250 -12.22 -14.84 -3.10
N ARG A 251 -11.25 -15.70 -3.40
CA ARG A 251 -11.21 -17.01 -2.76
C ARG A 251 -10.90 -16.88 -1.27
N TRP A 252 -10.05 -15.93 -0.88
CA TRP A 252 -9.86 -15.63 0.54
C TRP A 252 -11.16 -15.17 1.22
N LEU A 253 -11.88 -14.25 0.58
CA LEU A 253 -13.16 -13.81 1.15
C LEU A 253 -14.11 -14.98 1.38
N ARG A 254 -14.08 -15.97 0.50
CA ARG A 254 -15.02 -17.10 0.58
C ARG A 254 -14.55 -18.18 1.55
N GLY A 255 -13.40 -18.00 2.17
CA GLY A 255 -12.96 -18.95 3.20
C GLY A 255 -12.17 -20.10 2.63
N GLN A 256 -11.63 -19.94 1.41
CA GLN A 256 -10.92 -21.02 0.74
C GLN A 256 -9.40 -21.03 0.98
N LEU A 257 -8.87 -19.96 1.58
CA LEU A 257 -7.41 -19.85 1.72
C LEU A 257 -6.96 -19.69 3.18
N GLY A 258 -5.87 -20.36 3.54
CA GLY A 258 -5.32 -20.25 4.89
C GLY A 258 -4.73 -18.89 5.22
N PHE A 259 -3.99 -18.32 4.27
CA PHE A 259 -3.27 -17.06 4.48
C PHE A 259 -3.56 -16.07 3.36
N PHE A 260 -3.73 -14.79 3.70
CA PHE A 260 -3.84 -13.74 2.69
C PHE A 260 -3.52 -12.41 3.37
N PRO A 261 -2.95 -11.43 2.62
CA PRO A 261 -2.64 -10.17 3.29
C PRO A 261 -3.86 -9.38 3.69
N VAL A 262 -3.66 -8.47 4.64
CA VAL A 262 -4.71 -7.56 5.11
C VAL A 262 -4.14 -6.15 5.25
N GLY A 263 -4.76 -5.16 4.60
CA GLY A 263 -4.44 -3.77 4.86
C GLY A 263 -5.60 -3.11 5.60
N PRO A 264 -5.35 -1.99 6.29
CA PRO A 264 -6.49 -1.39 7.00
C PRO A 264 -7.62 -0.98 6.06
N TRP A 265 -7.30 -0.71 4.80
CA TRP A 265 -8.33 -0.32 3.84
C TRP A 265 -9.26 -1.48 3.49
N ASP A 266 -8.87 -2.70 3.86
CA ASP A 266 -9.68 -3.88 3.61
C ASP A 266 -10.77 -4.11 4.65
N LEU A 267 -10.67 -3.42 5.78
CA LEU A 267 -11.43 -3.87 6.94
C LEU A 267 -12.95 -3.77 6.73
N ALA A 268 -13.41 -2.70 6.08
CA ALA A 268 -14.85 -2.57 5.81
C ALA A 268 -15.36 -3.68 4.89
N ALA A 269 -14.62 -3.96 3.82
CA ALA A 269 -14.98 -5.03 2.91
C ALA A 269 -14.97 -6.39 3.62
N PHE A 270 -13.98 -6.61 4.48
CA PHE A 270 -13.89 -7.86 5.21
C PHE A 270 -15.03 -7.98 6.23
N ASP A 271 -15.38 -6.87 6.91
CA ASP A 271 -16.52 -6.88 7.83
C ASP A 271 -17.80 -7.32 7.11
N GLN A 272 -17.93 -6.90 5.87
CA GLN A 272 -19.19 -7.16 5.13
C GLN A 272 -19.21 -8.58 4.54
N GLN A 273 -18.04 -9.10 4.21
CA GLN A 273 -18.01 -10.32 3.39
C GLN A 273 -17.39 -11.55 4.04
N ILE A 274 -16.45 -11.34 4.95
CA ILE A 274 -15.77 -12.48 5.59
C ILE A 274 -16.56 -12.99 6.78
N LYS A 275 -16.85 -14.28 6.77
CA LYS A 275 -17.65 -14.91 7.81
C LYS A 275 -16.81 -15.74 8.77
N PHE A 276 -15.61 -16.12 8.36
CA PHE A 276 -14.72 -16.87 9.24
C PHE A 276 -13.96 -15.93 10.18
N GLU A 277 -13.36 -16.51 11.22
CA GLU A 277 -12.51 -15.75 12.12
C GLU A 277 -11.12 -15.65 11.51
N TYR A 278 -10.52 -14.46 11.55
CA TYR A 278 -9.15 -14.28 11.07
C TYR A 278 -8.37 -13.37 11.99
N ASP A 279 -7.04 -13.49 11.96
CA ASP A 279 -6.19 -12.63 12.78
C ASP A 279 -4.89 -12.34 12.03
N LEU A 280 -4.10 -11.41 12.56
CA LEU A 280 -2.87 -10.96 11.90
C LEU A 280 -1.61 -11.54 12.53
N ILE A 281 -0.62 -11.81 11.70
CA ILE A 281 0.66 -12.39 12.14
C ILE A 281 1.79 -11.74 11.35
N PRO A 282 3.03 -11.84 11.84
CA PRO A 282 4.16 -11.41 11.01
C PRO A 282 4.28 -12.24 9.74
N TRP A 283 4.86 -11.63 8.70
CA TRP A 283 5.15 -12.36 7.47
C TRP A 283 6.25 -13.37 7.74
N PRO A 284 6.25 -14.49 7.02
CA PRO A 284 7.35 -15.46 7.15
C PRO A 284 8.65 -14.81 6.76
N ALA A 285 9.75 -15.21 7.40
CA ALA A 285 11.01 -14.50 7.19
C ALA A 285 12.03 -15.38 6.49
N GLY A 286 12.76 -14.77 5.56
CA GLY A 286 13.82 -15.42 4.82
C GLY A 286 15.14 -15.39 5.59
N SER A 287 16.25 -15.26 4.88
CA SER A 287 17.58 -15.45 5.48
C SER A 287 17.90 -14.51 6.64
N THR A 288 17.31 -13.31 6.65
CA THR A 288 17.53 -12.39 7.76
C THR A 288 16.83 -12.81 9.06
N GLY A 289 15.79 -13.62 8.94
CA GLY A 289 15.00 -14.03 10.10
C GLY A 289 14.11 -12.93 10.64
N LYS A 290 14.11 -11.78 9.97
CA LYS A 290 13.27 -10.66 10.33
C LYS A 290 12.15 -10.50 9.30
N PRO A 291 10.88 -10.40 9.76
CA PRO A 291 9.79 -10.21 8.80
C PRO A 291 9.90 -8.88 8.10
N ALA A 292 9.32 -8.80 6.91
CA ALA A 292 9.33 -7.58 6.13
C ALA A 292 8.04 -7.45 5.35
N THR A 293 7.58 -6.21 5.20
CA THR A 293 6.44 -5.89 4.35
C THR A 293 6.49 -4.40 4.08
N TRP A 294 5.54 -3.89 3.30
CA TRP A 294 5.54 -2.48 3.01
C TRP A 294 4.52 -1.71 3.84
N VAL A 295 4.79 -0.41 4.00
CA VAL A 295 3.86 0.55 4.56
C VAL A 295 3.50 1.53 3.45
N GLY A 296 2.26 1.48 2.99
CA GLY A 296 1.82 2.38 1.94
C GLY A 296 1.47 3.76 2.48
N SER A 297 1.35 4.72 1.58
CA SER A 297 0.77 6.01 1.92
C SER A 297 0.33 6.69 0.65
N LEU A 298 -0.65 7.57 0.80
CA LEU A 298 -1.04 8.50 -0.25
C LEU A 298 -1.06 9.88 0.36
N GLY A 299 -0.76 10.88 -0.46
CA GLY A 299 -0.84 12.24 0.02
C GLY A 299 -2.14 12.87 -0.45
N ILE A 300 -2.62 13.84 0.31
CA ILE A 300 -3.73 14.67 -0.14
C ILE A 300 -3.12 16.02 -0.45
N GLY A 301 -3.14 16.38 -1.73
CA GLY A 301 -2.51 17.62 -2.18
C GLY A 301 -3.51 18.67 -2.62
N VAL A 302 -3.03 19.90 -2.72
CA VAL A 302 -3.85 21.01 -3.20
C VAL A 302 -3.23 21.56 -4.48
N SER A 303 -4.05 21.78 -5.49
CA SER A 303 -3.57 22.35 -6.75
C SER A 303 -2.90 23.71 -6.56
N SER A 304 -1.71 23.86 -7.15
CA SER A 304 -1.03 25.16 -7.17
CA SER A 304 -1.03 25.16 -7.17
C SER A 304 -1.91 26.22 -7.78
N MET A 305 -2.81 25.80 -8.67
CA MET A 305 -3.64 26.72 -9.43
C MET A 305 -5.03 26.94 -8.80
N THR A 306 -5.27 26.42 -7.60
CA THR A 306 -6.62 26.54 -7.06
C THR A 306 -6.99 27.99 -6.78
N LYS A 307 -8.25 28.32 -7.02
CA LYS A 307 -8.77 29.66 -6.73
C LYS A 307 -9.16 29.81 -5.26
N HIS A 308 -9.22 28.70 -4.54
CA HIS A 308 -9.65 28.73 -3.14
C HIS A 308 -8.72 27.94 -2.22
N PRO A 309 -7.48 28.44 -2.04
CA PRO A 309 -6.49 27.67 -1.27
C PRO A 309 -6.87 27.46 0.19
N LYS A 310 -7.52 28.43 0.83
CA LYS A 310 -7.88 28.25 2.23
C LYS A 310 -8.87 27.08 2.39
N GLU A 311 -9.91 27.07 1.57
CA GLU A 311 -10.95 26.05 1.66
C GLU A 311 -10.42 24.68 1.23
N ALA A 312 -9.54 24.69 0.24
CA ALA A 312 -8.94 23.43 -0.25
C ALA A 312 -8.10 22.77 0.84
N VAL A 313 -7.29 23.57 1.53
CA VAL A 313 -6.48 23.06 2.62
C VAL A 313 -7.38 22.62 3.77
N GLU A 314 -8.48 23.35 4.00
CA GLU A 314 -9.44 22.96 5.03
C GLU A 314 -10.02 21.57 4.75
N LEU A 315 -10.32 21.28 3.49
CA LEU A 315 -10.81 19.93 3.14
C LEU A 315 -9.73 18.87 3.34
N ALA A 316 -8.51 19.14 2.89
CA ALA A 316 -7.41 18.19 3.06
C ALA A 316 -7.16 17.93 4.54
N LEU A 317 -7.21 18.99 5.35
CA LEU A 317 -7.04 18.86 6.79
C LEU A 317 -8.15 18.07 7.44
N TYR A 318 -9.36 18.23 6.93
CA TYR A 318 -10.50 17.55 7.52
C TYR A 318 -10.39 16.03 7.33
N LEU A 319 -9.86 15.62 6.19
CA LEU A 319 -9.66 14.20 5.90
C LEU A 319 -8.43 13.62 6.58
N SER A 320 -7.37 14.42 6.70
CA SER A 320 -6.09 13.94 7.22
C SER A 320 -5.97 14.01 8.74
N ALA A 321 -6.34 15.15 9.33
CA ALA A 321 -5.96 15.44 10.71
C ALA A 321 -7.10 15.84 11.65
N ASP A 322 -8.24 16.27 11.11
CA ASP A 322 -9.33 16.74 11.97
C ASP A 322 -9.88 15.58 12.78
N PRO A 323 -9.99 15.74 14.11
CA PRO A 323 -10.45 14.59 14.92
C PRO A 323 -11.82 14.04 14.52
N GLU A 324 -12.71 14.90 14.04
CA GLU A 324 -14.05 14.48 13.64
CA GLU A 324 -14.04 14.43 13.66
C GLU A 324 -14.03 13.74 12.29
N GLY A 325 -13.28 14.30 11.34
CA GLY A 325 -13.16 13.66 10.03
C GLY A 325 -12.46 12.32 10.15
N GLN A 326 -11.36 12.31 10.90
CA GLN A 326 -10.61 11.08 11.14
C GLN A 326 -11.46 10.02 11.86
N LYS A 327 -12.19 10.44 12.88
CA LYS A 327 -13.00 9.47 13.62
C LYS A 327 -14.01 8.80 12.69
N ALA A 328 -14.59 9.56 11.79
CA ALA A 328 -15.57 9.01 10.86
C ALA A 328 -14.95 7.98 9.91
N LEU A 329 -13.75 8.28 9.43
CA LEU A 329 -13.03 7.35 8.55
C LEU A 329 -12.64 6.07 9.28
N VAL A 330 -12.16 6.20 10.51
CA VAL A 330 -11.75 5.03 11.27
C VAL A 330 -12.99 4.21 11.64
N ASP A 331 -14.08 4.91 12.02
CA ASP A 331 -15.34 4.23 12.33
C ASP A 331 -15.87 3.44 11.13
N GLN A 332 -15.65 3.96 9.92
CA GLN A 332 -16.14 3.31 8.71
C GLN A 332 -15.16 2.25 8.18
N ARG A 333 -14.11 1.99 8.96
CA ARG A 333 -13.23 0.84 8.76
C ARG A 333 -12.45 0.87 7.45
N VAL A 334 -11.96 2.04 7.05
CA VAL A 334 -11.15 2.12 5.84
C VAL A 334 -9.73 2.59 6.10
N GLN A 335 -9.42 2.83 7.37
CA GLN A 335 -8.02 3.14 7.72
C GLN A 335 -7.80 3.13 9.23
N LEU A 336 -6.53 3.06 9.63
CA LEU A 336 -6.23 3.19 11.04
C LEU A 336 -5.95 4.66 11.32
N PRO A 337 -6.07 5.08 12.59
CA PRO A 337 -6.00 6.51 12.90
C PRO A 337 -4.66 7.16 12.52
N ASN A 338 -4.71 8.36 11.93
CA ASN A 338 -3.49 9.11 11.65
C ASN A 338 -2.86 9.66 12.92
N SER A 339 -3.67 9.86 13.96
CA SER A 339 -3.11 10.32 15.23
C SER A 339 -2.48 9.15 15.97
N VAL A 340 -1.21 9.30 16.31
CA VAL A 340 -0.45 8.22 16.96
C VAL A 340 -1.09 7.75 18.27
N LYS A 341 -1.46 8.68 19.15
CA LYS A 341 -2.07 8.29 20.41
C LYS A 341 -3.43 7.62 20.24
N VAL A 342 -4.22 8.10 19.29
CA VAL A 342 -5.51 7.49 18.99
C VAL A 342 -5.30 6.08 18.42
N ALA A 343 -4.28 5.92 17.59
CA ALA A 343 -4.00 4.61 17.01
C ALA A 343 -3.57 3.60 18.09
N GLU A 344 -2.80 4.07 19.08
CA GLU A 344 -2.33 3.17 20.13
C GLU A 344 -3.49 2.70 20.99
N GLU A 345 -4.45 3.58 21.27
CA GLU A 345 -5.63 3.19 22.04
C GLU A 345 -6.54 2.27 21.24
N TRP A 346 -6.72 2.60 19.97
CA TRP A 346 -7.43 1.75 19.01
C TRP A 346 -6.92 0.32 19.04
N ALA A 347 -5.60 0.17 18.90
CA ALA A 347 -5.00 -1.16 18.78
C ALA A 347 -5.25 -2.01 20.02
N LYS A 348 -5.41 -1.35 21.16
CA LYS A 348 -5.60 -2.03 22.44
C LYS A 348 -7.05 -2.33 22.78
N ASP A 349 -7.98 -1.82 21.98
CA ASP A 349 -9.40 -2.07 22.20
C ASP A 349 -9.78 -3.44 21.66
N PRO A 350 -10.05 -4.41 22.57
CA PRO A 350 -10.29 -5.79 22.14
C PRO A 350 -11.66 -5.98 21.46
N SER A 351 -12.53 -4.99 21.54
CA SER A 351 -13.84 -5.13 20.92
C SER A 351 -13.76 -4.89 19.41
N ILE A 352 -12.63 -4.36 18.97
CA ILE A 352 -12.39 -4.09 17.55
C ILE A 352 -11.44 -5.14 17.01
N LYS A 353 -11.89 -5.87 16.00
CA LYS A 353 -11.11 -6.96 15.40
C LYS A 353 -10.35 -6.47 14.15
N PRO A 354 -9.30 -7.19 13.72
CA PRO A 354 -8.73 -8.41 14.30
C PRO A 354 -8.10 -8.22 15.67
N ALA A 355 -7.99 -9.31 16.41
CA ALA A 355 -7.46 -9.28 17.77
C ALA A 355 -6.06 -8.69 17.81
N ASN A 356 -5.21 -9.12 16.88
CA ASN A 356 -3.85 -8.61 16.80
C ASN A 356 -3.72 -7.45 15.80
N LYS A 357 -4.61 -6.48 15.86
CA LYS A 357 -4.43 -5.35 14.95
C LYS A 357 -3.22 -4.49 15.39
N GLN A 358 -2.66 -4.78 16.57
CA GLN A 358 -1.36 -4.23 16.96
C GLN A 358 -0.28 -4.50 15.89
N GLU A 359 -0.43 -5.60 15.17
CA GLU A 359 0.55 -5.91 14.12
C GLU A 359 0.71 -4.78 13.12
N PHE A 360 -0.39 -4.05 12.87
CA PHE A 360 -0.35 -2.91 11.94
C PHE A 360 0.66 -1.87 12.45
N LEU A 361 0.62 -1.61 13.76
CA LEU A 361 1.50 -0.60 14.34
CA LEU A 361 1.50 -0.59 14.34
C LEU A 361 2.93 -1.12 14.40
N ASP A 362 3.08 -2.42 14.66
CA ASP A 362 4.42 -3.03 14.66
C ASP A 362 5.06 -2.91 13.27
N ILE A 363 4.25 -3.03 12.22
CA ILE A 363 4.78 -2.82 10.88
C ILE A 363 5.22 -1.38 10.68
N ILE A 364 4.36 -0.43 11.06
CA ILE A 364 4.72 0.98 10.94
C ILE A 364 5.98 1.31 11.72
N ASN A 365 6.04 0.87 12.98
CA ASN A 365 7.14 1.26 13.86
C ASN A 365 8.44 0.49 13.67
N ASP A 366 8.34 -0.77 13.26
CA ASP A 366 9.49 -1.65 13.28
CA ASP A 366 9.49 -1.66 13.29
C ASP A 366 9.86 -2.19 11.91
N TYR A 367 9.05 -3.08 11.34
CA TYR A 367 9.55 -3.82 10.18
C TYR A 367 8.95 -3.51 8.81
N GLY A 368 8.20 -2.42 8.69
CA GLY A 368 7.70 -2.01 7.39
C GLY A 368 8.72 -1.19 6.61
N HIS A 369 8.66 -1.29 5.29
CA HIS A 369 9.55 -0.54 4.40
C HIS A 369 8.74 0.27 3.39
N SER A 370 9.38 1.24 2.74
CA SER A 370 8.72 1.94 1.62
C SER A 370 8.85 1.15 0.32
N PHE A 371 7.90 1.35 -0.60
CA PHE A 371 8.10 0.88 -1.97
C PHE A 371 9.36 1.52 -2.53
N PRO A 372 10.13 0.77 -3.34
CA PRO A 372 11.39 1.29 -3.89
C PRO A 372 11.18 2.55 -4.71
N THR A 373 10.03 2.66 -5.36
CA THR A 373 9.73 3.83 -6.19
C THR A 373 9.55 5.11 -5.37
N GLU A 374 9.39 4.99 -4.05
CA GLU A 374 9.29 6.22 -3.24
C GLU A 374 10.59 7.00 -3.28
N TYR A 375 11.68 6.31 -3.55
CA TYR A 375 13.03 6.90 -3.57
C TYR A 375 13.47 7.44 -4.92
N THR A 376 12.76 7.07 -5.99
CA THR A 376 13.20 7.42 -7.34
C THR A 376 12.29 8.49 -7.92
N TYR A 377 12.75 9.16 -8.98
CA TYR A 377 12.03 10.33 -9.49
C TYR A 377 10.73 9.95 -10.18
N ASN A 378 10.73 8.79 -10.84
CA ASN A 378 9.47 8.17 -11.29
C ASN A 378 9.61 6.66 -11.10
N GLY A 379 8.53 5.92 -11.36
CA GLY A 379 8.52 4.48 -11.09
C GLY A 379 8.57 3.57 -12.31
N GLU A 380 8.89 4.12 -13.47
CA GLU A 380 8.80 3.33 -14.71
C GLU A 380 9.73 2.13 -14.71
N TRP A 381 10.92 2.30 -14.13
CA TRP A 381 11.90 1.22 -14.04
C TRP A 381 11.32 0.01 -13.28
N TYR A 382 10.50 0.29 -12.28
CA TYR A 382 9.91 -0.74 -11.43
C TYR A 382 8.68 -1.36 -12.11
N ASP A 383 7.89 -0.53 -12.78
CA ASP A 383 6.75 -1.05 -13.53
C ASP A 383 7.19 -2.04 -14.61
N GLU A 384 8.37 -1.80 -15.19
CA GLU A 384 8.89 -2.69 -16.22
C GLU A 384 9.22 -4.08 -15.65
N PHE A 385 9.75 -4.13 -14.43
CA PHE A 385 9.93 -5.43 -13.77
C PHE A 385 8.62 -6.22 -13.72
N TYR A 386 7.54 -5.57 -13.30
CA TYR A 386 6.28 -6.29 -13.16
C TYR A 386 5.57 -6.54 -14.49
N ARG A 387 5.81 -5.69 -15.48
CA ARG A 387 5.10 -5.80 -16.75
C ARG A 387 5.28 -7.16 -17.42
N ASN A 388 6.48 -7.72 -17.32
CA ASN A 388 6.76 -8.99 -17.99
C ASN A 388 7.05 -10.13 -17.00
N LEU A 389 6.51 -10.03 -15.80
CA LEU A 389 6.83 -11.00 -14.75
C LEU A 389 6.01 -12.30 -14.83
N GLN A 390 4.86 -12.26 -15.49
CA GLN A 390 3.91 -13.38 -15.35
C GLN A 390 4.46 -14.73 -15.81
N PRO A 391 5.25 -14.78 -16.90
CA PRO A 391 5.83 -16.10 -17.25
C PRO A 391 6.68 -16.72 -16.14
N VAL A 392 7.36 -15.91 -15.33
CA VAL A 392 8.07 -16.46 -14.16
C VAL A 392 7.06 -17.05 -13.19
N LEU A 393 6.02 -16.27 -12.90
CA LEU A 393 5.04 -16.67 -11.91
C LEU A 393 4.33 -17.94 -12.34
N ASP A 394 4.17 -18.13 -13.65
CA ASP A 394 3.47 -19.32 -14.13
C ASP A 394 4.40 -20.47 -14.54
N GLY A 395 5.68 -20.35 -14.18
CA GLY A 395 6.61 -21.46 -14.31
C GLY A 395 7.15 -21.69 -15.70
N LYS A 396 7.02 -20.70 -16.57
CA LYS A 396 7.44 -20.82 -17.97
C LYS A 396 8.84 -20.27 -18.21
N MET A 397 9.34 -19.53 -17.23
CA MET A 397 10.66 -18.91 -17.28
C MET A 397 11.21 -18.90 -15.86
N SER A 398 12.50 -19.15 -15.70
CA SER A 398 13.07 -19.10 -14.36
C SER A 398 13.26 -17.66 -13.89
N ALA A 399 13.27 -17.49 -12.58
CA ALA A 399 13.53 -16.19 -11.98
C ALA A 399 14.89 -15.68 -12.47
N GLU A 400 15.88 -16.58 -12.49
CA GLU A 400 17.23 -16.21 -12.89
C GLU A 400 17.29 -15.70 -14.32
N GLU A 401 16.63 -16.42 -15.23
CA GLU A 401 16.62 -15.98 -16.61
C GLU A 401 15.91 -14.63 -16.78
N TYR A 402 14.81 -14.44 -16.06
CA TYR A 402 14.05 -13.21 -16.24
C TYR A 402 14.78 -11.98 -15.71
N VAL A 403 15.35 -12.06 -14.51
CA VAL A 403 15.94 -10.84 -13.95
C VAL A 403 17.15 -10.41 -14.78
N LYS A 404 17.84 -11.35 -15.43
CA LYS A 404 18.98 -10.97 -16.26
C LYS A 404 18.53 -10.21 -17.51
N LYS A 405 17.40 -10.68 -18.00
CA LYS A 405 16.77 -9.92 -19.19
CA LYS A 405 16.73 -9.97 -19.14
C LYS A 405 16.11 -8.56 -18.85
N ALA A 406 15.48 -8.53 -17.66
CA ALA A 406 14.81 -7.30 -17.21
C ALA A 406 15.79 -6.23 -16.76
N LYS A 407 16.90 -6.63 -16.13
CA LYS A 407 17.79 -5.66 -15.48
C LYS A 407 18.25 -4.50 -16.38
N PRO A 408 18.74 -4.78 -17.61
CA PRO A 408 19.20 -3.63 -18.41
C PRO A 408 18.06 -2.70 -18.85
N LYS A 409 16.87 -3.25 -19.06
CA LYS A 409 15.72 -2.44 -19.43
C LYS A 409 15.33 -1.52 -18.26
N MET A 410 15.35 -2.11 -17.07
CA MET A 410 15.06 -1.35 -15.85
C MET A 410 16.10 -0.28 -15.61
N GLN A 411 17.37 -0.63 -15.75
CA GLN A 411 18.45 0.31 -15.48
C GLN A 411 18.38 1.51 -16.42
N LYS A 412 18.09 1.28 -17.70
CA LYS A 412 17.98 2.39 -18.65
CA LYS A 412 17.96 2.38 -18.66
C LYS A 412 16.89 3.36 -18.19
N LEU A 413 15.75 2.81 -17.78
CA LEU A 413 14.65 3.65 -17.30
C LEU A 413 15.00 4.40 -16.02
N LEU A 414 15.71 3.73 -15.11
CA LEU A 414 16.12 4.40 -13.87
C LEU A 414 17.13 5.51 -14.16
N ASP A 415 18.10 5.24 -15.02
CA ASP A 415 19.06 6.26 -15.43
C ASP A 415 18.35 7.49 -16.00
N GLN A 416 17.32 7.25 -16.82
CA GLN A 416 16.55 8.35 -17.38
C GLN A 416 15.77 9.11 -16.31
N ALA A 417 15.21 8.42 -15.33
CA ALA A 417 14.56 9.10 -14.21
C ALA A 417 15.55 10.01 -13.48
N ILE A 418 16.75 9.51 -13.22
CA ILE A 418 17.78 10.28 -12.54
C ILE A 418 18.15 11.52 -13.35
N GLU A 419 18.33 11.34 -14.66
CA GLU A 419 18.69 12.47 -15.50
C GLU A 419 17.56 13.48 -15.58
N GLN A 420 16.35 12.98 -15.74
CA GLN A 420 15.22 13.86 -15.97
C GLN A 420 14.96 14.68 -14.72
N GLU A 421 15.34 14.14 -13.57
CA GLU A 421 15.26 14.90 -12.33
C GLU A 421 16.24 16.07 -12.35
N LYS A 422 17.46 15.79 -12.79
CA LYS A 422 18.45 16.85 -12.92
C LYS A 422 17.99 17.94 -13.87
N GLN A 423 17.28 17.58 -14.93
CA GLN A 423 16.87 18.56 -15.94
CA GLN A 423 16.86 18.55 -15.94
C GLN A 423 15.61 19.35 -15.53
N ALA A 424 14.74 18.72 -14.75
CA ALA A 424 13.52 19.41 -14.32
C ALA A 424 13.74 20.31 -13.12
N SER A 425 14.62 19.83 -12.24
CA SER A 425 14.99 20.77 -11.08
CA SER A 425 14.99 20.77 -11.08
C SER A 425 16.03 21.98 -11.40
N LYS A 426 16.38 22.28 -12.65
CA LYS A 426 17.21 23.46 -13.01
C LYS A 426 16.44 24.74 -12.74
O5 AHR B . -4.22 -4.12 -1.92
C5 AHR B . -3.30 -3.57 -2.85
C4 AHR B . -3.71 -2.17 -3.24
O4 AHR B . -3.71 -1.31 -2.10
C3 AHR B . -5.14 -2.14 -3.76
O3 AHR B . -5.23 -2.46 -5.17
C2 AHR B . -5.56 -0.71 -3.46
O2 AHR B . -6.98 -0.64 -3.25
C1 AHR B . -4.86 -0.44 -2.14
O1 AHR B . -4.45 0.92 -2.06
O5 AHR B . -6.63 -7.20 -5.04
C5 AHR B . -6.91 -7.21 -3.64
C4 AHR B . -6.40 -5.91 -3.00
O4 AHR B . -5.01 -5.81 -3.29
C3 AHR B . -6.54 -5.92 -1.49
O3 AHR B . -7.06 -4.66 -1.03
C2 AHR B . -5.14 -6.11 -0.97
O2 AHR B . -4.81 -7.51 -0.92
C1 AHR B . -4.29 -5.53 -2.08
C1 GOL C . 12.90 -1.24 0.67
O1 GOL C . 12.49 0.10 0.51
C2 GOL C . 14.25 -1.29 1.38
O2 GOL C . 14.11 -0.58 2.60
C3 GOL C . 14.61 -2.74 1.70
O3 GOL C . 15.96 -2.84 2.09
C1 GOL D . 7.48 -8.86 14.61
O1 GOL D . 7.60 -10.24 14.37
C2 GOL D . 6.10 -8.47 15.14
O2 GOL D . 5.15 -9.51 14.99
C3 GOL D . 6.22 -8.01 16.59
O3 GOL D . 4.94 -7.85 17.15
C1 GOL E . -9.99 21.99 -13.19
O1 GOL E . -9.79 22.92 -14.23
C2 GOL E . -9.93 22.69 -11.84
O2 GOL E . -10.19 24.08 -11.96
C3 GOL E . -10.93 22.06 -10.87
O3 GOL E . -11.40 23.08 -10.01
CA CA F . -13.55 -30.94 -2.99
C TRS G . -2.79 2.80 0.49
C1 TRS G . -2.29 2.55 1.90
C2 TRS G . -1.60 3.01 -0.45
C3 TRS G . -3.68 4.03 0.49
N TRS G . -3.56 1.64 0.06
O1 TRS G . -1.48 3.62 2.30
O2 TRS G . -0.71 1.92 -0.33
O3 TRS G . -4.80 3.79 1.30
#